data_5IPW
#
_entry.id   5IPW
#
_cell.length_a   190.494
_cell.length_b   190.494
_cell.length_c   133.269
_cell.angle_alpha   90.00
_cell.angle_beta   90.00
_cell.angle_gamma   90.00
#
_symmetry.space_group_name_H-M   'I 4 2 2'
#
loop_
_entity.id
_entity.type
_entity.pdbx_description
1 polymer 'Oligopeptide ABC transporter, periplasmic oligopeptide-binding protein, putative'
2 water water
#
_entity_poly.entity_id   1
_entity_poly.type   'polypeptide(L)'
_entity_poly.pdbx_seq_one_letter_code
;GAMGATPEEYYKATGKKITEYHESPMLTKLVEEGKLPPVEQRLPEEPLVVQPVEKVGQFGGTWRRVWKGPSDRWGISKLI
EVKLAFWDKEGGKLVPGLAKSWEVLENGRVYIFHLRKGVKWSDGAPYTAHDIVFWVNDIVGNDDITPSKPDWYNIGVKVE
ALDDYTVKFEFSKPYGLFLLKVPYGGFTGAPAHYLKQFHPKYTPMEEIEKKMVEGVHNTWVDLFNDKNDFLENTELPTLS
PWKPITDPTEQFYILERNPYFWAVDIEGNQLPYIDYVRHEYVKNDEVILLKAISGEIDMQWRHIGGLGAGAGNFTLLMEN
SQSGGYRVLKWIAANGSASRISLNYAHSDEVLRKVFNDVRFRQALSLAINREEINEILFNGLAEPRQASLVSGSPYFDPE
WEKAYAEYDPDRANKLLDEMGLKWDDKHEYRLLPDGRPLRFTITVTGQFHVDVWTMVKEYWKQIGVWVEIENLERSLFYE
RADAGDFDAMVWNMDRAAQPLSSPMVIFPGSENIADFWYIGWSGWISYYIDKNIRGVEPEEVPEGPEPPEVVYRLVDLYY
QIASTPDPDKIKELMAEATKIHRENLWMIGTVGEDLSPAIAKNNFRNVPEFLVTDDVLRTPLNAMPMQFFIEQ
;
_entity_poly.pdbx_strand_id   A
#
# COMPACT_ATOMS: atom_id res chain seq x y z
N GLY A 1 -17.39 0.27 -2.63
CA GLY A 1 -18.27 -0.93 -2.93
C GLY A 1 -17.94 -1.60 -4.25
N ALA A 2 -18.67 -1.25 -5.31
CA ALA A 2 -18.42 -1.78 -6.65
C ALA A 2 -18.59 -0.66 -7.68
N MET A 3 -17.95 -0.83 -8.83
CA MET A 3 -17.98 0.18 -9.89
C MET A 3 -18.63 -0.36 -11.16
N GLY A 4 -19.62 0.36 -11.65
CA GLY A 4 -20.10 0.18 -13.00
C GLY A 4 -19.32 1.16 -13.83
N ALA A 5 -18.71 0.68 -14.91
CA ALA A 5 -17.87 1.52 -15.74
C ALA A 5 -18.64 2.69 -16.33
N THR A 6 -19.94 2.52 -16.51
CA THR A 6 -20.78 3.46 -17.26
C THR A 6 -22.23 3.21 -16.84
N PRO A 7 -23.11 4.20 -16.99
CA PRO A 7 -24.52 3.91 -16.72
C PRO A 7 -25.10 2.79 -17.63
N GLU A 8 -24.75 2.81 -18.91
CA GLU A 8 -25.10 1.72 -19.80
C GLU A 8 -24.54 0.37 -19.31
N GLU A 9 -23.27 0.33 -18.95
CA GLU A 9 -22.67 -0.91 -18.43
C GLU A 9 -23.29 -1.34 -17.11
N TYR A 10 -23.65 -0.37 -16.26
CA TYR A 10 -24.33 -0.68 -15.00
C TYR A 10 -25.66 -1.35 -15.30
N TYR A 11 -26.37 -0.80 -16.29
CA TYR A 11 -27.63 -1.36 -16.74
C TYR A 11 -27.49 -2.77 -17.30
N LYS A 12 -26.46 -2.99 -18.11
CA LYS A 12 -26.21 -4.30 -18.67
C LYS A 12 -25.97 -5.32 -17.56
N ALA A 13 -25.26 -4.92 -16.51
CA ALA A 13 -24.97 -5.84 -15.39
C ALA A 13 -26.17 -6.09 -14.48
N THR A 14 -26.98 -5.07 -14.22
CA THR A 14 -27.92 -5.10 -13.09
C THR A 14 -29.41 -5.03 -13.45
N GLY A 15 -29.71 -4.65 -14.69
CA GLY A 15 -31.10 -4.46 -15.11
C GLY A 15 -31.73 -3.16 -14.64
N LYS A 16 -30.95 -2.28 -14.00
CA LYS A 16 -31.43 -1.00 -13.51
C LYS A 16 -30.87 0.11 -14.35
N LYS A 17 -31.73 1.04 -14.73
CA LYS A 17 -31.31 2.23 -15.44
C LYS A 17 -31.16 3.37 -14.47
N ILE A 18 -30.16 4.22 -14.72
CA ILE A 18 -30.08 5.51 -14.09
C ILE A 18 -30.74 6.46 -15.07
N THR A 19 -31.90 6.99 -14.69
CA THR A 19 -32.73 7.77 -15.62
C THR A 19 -32.70 9.28 -15.37
N GLU A 20 -32.01 9.70 -14.32
CA GLU A 20 -32.14 11.05 -13.80
C GLU A 20 -30.90 11.35 -12.96
N TYR A 21 -30.40 12.58 -13.03
CA TYR A 21 -29.25 12.97 -12.21
C TYR A 21 -29.67 13.94 -11.12
N HIS A 22 -29.02 13.82 -9.97
CA HIS A 22 -29.32 14.65 -8.80
C HIS A 22 -28.06 15.29 -8.29
N GLU A 23 -28.21 16.32 -7.46
CA GLU A 23 -27.08 17.11 -6.98
C GLU A 23 -27.31 17.57 -5.58
N SER A 24 -26.25 17.99 -4.89
CA SER A 24 -26.39 18.48 -3.53
C SER A 24 -27.17 19.79 -3.54
N PRO A 25 -28.05 20.00 -2.56
CA PRO A 25 -28.81 21.26 -2.47
C PRO A 25 -27.97 22.52 -2.66
N MET A 26 -26.81 22.59 -1.99
CA MET A 26 -25.94 23.75 -2.12
C MET A 26 -25.58 24.03 -3.58
N LEU A 27 -25.47 22.99 -4.40
CA LEU A 27 -25.21 23.19 -5.82
C LEU A 27 -26.46 23.65 -6.57
N THR A 28 -27.62 23.13 -6.18
CA THR A 28 -28.89 23.55 -6.78
C THR A 28 -29.12 25.03 -6.56
N LYS A 29 -28.77 25.51 -5.38
CA LYS A 29 -28.93 26.92 -5.05
C LYS A 29 -28.08 27.76 -6.01
N LEU A 30 -26.84 27.33 -6.25
CA LEU A 30 -25.96 28.04 -7.17
C LEU A 30 -26.47 28.09 -8.60
N VAL A 31 -27.06 27.01 -9.10
CA VAL A 31 -27.53 27.01 -10.50
C VAL A 31 -28.80 27.88 -10.61
N GLU A 32 -29.61 27.87 -9.56
CA GLU A 32 -30.80 28.72 -9.50
C GLU A 32 -30.43 30.21 -9.45
N GLU A 33 -29.34 30.52 -8.77
CA GLU A 33 -28.77 31.88 -8.77
C GLU A 33 -27.98 32.22 -10.05
N GLY A 34 -27.81 31.26 -10.96
CA GLY A 34 -27.15 31.50 -12.24
C GLY A 34 -25.64 31.38 -12.24
N LYS A 35 -25.06 30.93 -11.13
CA LYS A 35 -23.60 30.85 -10.97
C LYS A 35 -22.99 29.49 -11.33
N LEU A 36 -23.83 28.52 -11.73
CA LEU A 36 -23.36 27.19 -12.10
C LEU A 36 -24.24 26.61 -13.19
N PRO A 37 -23.64 25.93 -14.17
CA PRO A 37 -24.48 25.16 -15.09
C PRO A 37 -25.18 24.00 -14.35
N PRO A 38 -26.28 23.48 -14.90
CA PRO A 38 -26.98 22.43 -14.17
C PRO A 38 -26.23 21.10 -14.22
N VAL A 39 -26.53 20.21 -13.28
CA VAL A 39 -25.80 18.94 -13.13
C VAL A 39 -25.67 18.14 -14.43
N GLU A 40 -26.72 18.16 -15.25
CA GLU A 40 -26.74 17.42 -16.53
C GLU A 40 -25.60 17.86 -17.43
N GLN A 41 -25.32 19.15 -17.38
CA GLN A 41 -24.25 19.76 -18.15
C GLN A 41 -22.88 19.60 -17.48
N ARG A 42 -22.85 19.74 -16.15
CA ARG A 42 -21.62 19.58 -15.36
C ARG A 42 -21.01 18.18 -15.47
N LEU A 43 -21.86 17.16 -15.37
CA LEU A 43 -21.41 15.77 -15.48
C LEU A 43 -20.92 15.43 -16.89
N PRO A 44 -20.07 14.40 -17.01
CA PRO A 44 -19.71 13.93 -18.33
C PRO A 44 -20.88 13.17 -18.98
N GLU A 45 -20.67 12.71 -20.20
CA GLU A 45 -21.71 11.96 -20.91
C GLU A 45 -21.89 10.60 -20.27
N GLU A 46 -20.80 10.00 -19.81
CA GLU A 46 -20.82 8.70 -19.18
C GLU A 46 -20.04 8.75 -17.85
N PRO A 47 -20.69 9.22 -16.77
CA PRO A 47 -20.02 9.27 -15.47
C PRO A 47 -19.70 7.89 -14.93
N LEU A 48 -18.71 7.81 -14.05
CA LEU A 48 -18.46 6.58 -13.31
C LEU A 48 -19.66 6.32 -12.41
N VAL A 49 -20.00 5.05 -12.23
CA VAL A 49 -21.16 4.67 -11.43
C VAL A 49 -20.66 3.91 -10.23
N VAL A 50 -21.05 4.36 -9.04
CA VAL A 50 -20.49 3.84 -7.81
C VAL A 50 -21.57 3.17 -7.00
N GLN A 51 -21.33 1.93 -6.59
CA GLN A 51 -22.26 1.25 -5.72
C GLN A 51 -21.83 1.45 -4.26
N PRO A 52 -22.75 1.97 -3.44
CA PRO A 52 -22.43 2.22 -2.06
C PRO A 52 -21.92 1.00 -1.31
N VAL A 53 -21.04 1.25 -0.34
CA VAL A 53 -20.59 0.22 0.56
C VAL A 53 -21.77 -0.34 1.35
N GLU A 54 -22.72 0.51 1.70
CA GLU A 54 -23.74 0.16 2.67
C GLU A 54 -25.12 0.46 2.14
N LYS A 55 -25.33 1.69 1.69
CA LYS A 55 -26.59 2.09 1.15
C LYS A 55 -26.47 3.40 0.40
N VAL A 56 -27.53 3.73 -0.33
CA VAL A 56 -27.56 4.97 -1.07
C VAL A 56 -27.56 6.11 -0.07
N GLY A 57 -26.69 7.10 -0.29
CA GLY A 57 -26.46 8.16 0.69
C GLY A 57 -27.31 9.40 0.51
N GLN A 58 -27.14 10.34 1.44
CA GLN A 58 -27.86 11.62 1.43
C GLN A 58 -26.84 12.74 1.35
N PHE A 59 -27.23 13.81 0.69
CA PHE A 59 -26.34 14.94 0.46
C PHE A 59 -26.28 15.83 1.70
N GLY A 60 -25.09 16.32 1.99
CA GLY A 60 -24.90 17.41 2.93
C GLY A 60 -23.80 17.15 3.92
N GLY A 61 -23.62 18.11 4.83
CA GLY A 61 -22.81 17.92 6.02
C GLY A 61 -21.37 18.37 5.90
N THR A 62 -20.73 18.50 7.06
CA THR A 62 -19.31 18.81 7.15
C THR A 62 -18.65 17.71 7.94
N TRP A 63 -17.68 17.07 7.30
CA TRP A 63 -16.97 15.94 7.84
C TRP A 63 -15.77 16.48 8.63
N ARG A 64 -15.86 16.35 9.95
CA ARG A 64 -14.83 16.86 10.86
C ARG A 64 -13.71 15.87 11.05
N ARG A 65 -12.49 16.31 10.72
CA ARG A 65 -11.29 15.55 11.02
C ARG A 65 -10.28 16.44 11.72
N VAL A 66 -9.12 15.87 12.04
CA VAL A 66 -8.00 16.62 12.59
C VAL A 66 -6.70 16.24 11.87
N TRP A 67 -5.83 17.22 11.67
CA TRP A 67 -4.49 16.96 11.12
C TRP A 67 -3.38 17.79 11.79
N LYS A 68 -2.14 17.45 11.45
CA LYS A 68 -0.95 18.10 11.98
C LYS A 68 -0.38 19.20 11.07
N GLY A 69 -1.27 19.89 10.35
CA GLY A 69 -0.88 20.96 9.44
C GLY A 69 -0.21 20.49 8.15
N PRO A 70 0.31 21.44 7.36
CA PRO A 70 0.91 21.18 6.04
C PRO A 70 1.84 19.97 5.98
N SER A 71 2.53 19.71 7.09
CA SER A 71 3.33 18.50 7.27
C SER A 71 2.54 17.23 6.97
N ASP A 72 1.25 17.25 7.30
CA ASP A 72 0.37 16.09 7.17
C ASP A 72 -0.28 16.02 5.79
N ARG A 73 0.49 16.38 4.76
CA ARG A 73 0.00 16.52 3.38
C ARG A 73 -0.72 15.27 2.87
N TRP A 74 -0.09 14.12 3.05
CA TRP A 74 -0.53 12.89 2.39
C TRP A 74 -1.80 12.28 2.96
N GLY A 75 -2.18 12.71 4.15
CA GLY A 75 -3.47 12.35 4.71
C GLY A 75 -4.60 12.95 3.92
N ILE A 76 -4.41 14.18 3.47
CA ILE A 76 -5.39 14.86 2.63
C ILE A 76 -5.38 14.20 1.26
N SER A 77 -4.19 14.03 0.70
CA SER A 77 -4.05 13.40 -0.61
C SER A 77 -4.81 12.08 -0.71
N LYS A 78 -4.70 11.25 0.33
CA LYS A 78 -5.32 9.94 0.34
C LYS A 78 -6.85 9.96 0.54
N LEU A 79 -7.40 11.12 0.89
CA LEU A 79 -8.86 11.33 0.84
C LEU A 79 -9.31 11.71 -0.56
N ILE A 80 -8.41 12.37 -1.28
CA ILE A 80 -8.76 13.26 -2.37
C ILE A 80 -8.36 12.67 -3.74
N GLU A 81 -7.57 11.61 -3.72
CA GLU A 81 -6.94 11.08 -4.91
C GLU A 81 -7.92 10.43 -5.87
N VAL A 82 -7.62 10.58 -7.15
CA VAL A 82 -8.39 9.92 -8.21
C VAL A 82 -7.44 9.26 -9.19
N LYS A 83 -7.90 8.15 -9.76
CA LYS A 83 -7.07 7.30 -10.61
C LYS A 83 -7.79 7.07 -11.94
N LEU A 84 -7.03 6.71 -12.97
CA LEU A 84 -7.63 6.27 -14.22
C LEU A 84 -8.41 5.01 -13.92
N ALA A 85 -7.81 4.16 -13.10
CA ALA A 85 -8.49 2.98 -12.62
C ALA A 85 -8.07 2.75 -11.18
N PHE A 86 -9.04 2.52 -10.32
CA PHE A 86 -8.79 2.34 -8.90
C PHE A 86 -8.46 0.90 -8.61
N TRP A 87 -7.80 0.69 -7.48
CA TRP A 87 -7.78 -0.63 -6.86
C TRP A 87 -9.22 -1.00 -6.57
N ASP A 88 -9.53 -2.29 -6.57
CA ASP A 88 -10.71 -2.73 -5.85
C ASP A 88 -10.38 -2.61 -4.36
N LYS A 89 -11.31 -3.01 -3.51
CA LYS A 89 -11.12 -2.89 -2.06
C LYS A 89 -9.93 -3.75 -1.55
N GLU A 90 -9.75 -4.96 -2.09
CA GLU A 90 -8.71 -5.88 -1.58
C GLU A 90 -7.29 -5.53 -2.08
N GLY A 91 -7.18 -5.16 -3.35
CA GLY A 91 -5.95 -4.62 -3.91
C GLY A 91 -5.26 -5.46 -4.98
N GLY A 92 -6.03 -6.28 -5.70
CA GLY A 92 -5.44 -7.16 -6.71
C GLY A 92 -5.80 -6.87 -8.15
N LYS A 93 -6.89 -6.13 -8.33
CA LYS A 93 -7.52 -5.98 -9.64
C LYS A 93 -7.83 -4.50 -9.88
N LEU A 94 -7.88 -4.13 -11.15
CA LEU A 94 -8.23 -2.75 -11.51
C LEU A 94 -9.71 -2.61 -11.75
N VAL A 95 -10.20 -1.42 -11.46
CA VAL A 95 -11.61 -1.12 -11.43
C VAL A 95 -11.77 0.26 -12.06
N PRO A 96 -12.84 0.47 -12.85
CA PRO A 96 -12.94 1.74 -13.58
C PRO A 96 -12.86 2.99 -12.70
N GLY A 97 -12.18 4.01 -13.23
CA GLY A 97 -12.03 5.30 -12.56
C GLY A 97 -12.33 6.39 -13.56
N LEU A 98 -11.37 7.30 -13.79
CA LEU A 98 -11.53 8.29 -14.85
C LEU A 98 -11.51 7.67 -16.23
N ALA A 99 -10.90 6.48 -16.35
CA ALA A 99 -11.01 5.68 -17.54
C ALA A 99 -12.20 4.74 -17.39
N LYS A 100 -13.08 4.72 -18.39
CA LYS A 100 -14.19 3.76 -18.41
C LYS A 100 -13.72 2.35 -18.81
N SER A 101 -12.67 2.27 -19.63
CA SER A 101 -12.11 0.99 -20.03
C SER A 101 -10.71 1.18 -20.56
N TRP A 102 -9.93 0.10 -20.50
CA TRP A 102 -8.56 0.13 -20.95
C TRP A 102 -8.24 -1.15 -21.69
N GLU A 103 -7.03 -1.18 -22.24
CA GLU A 103 -6.68 -2.16 -23.24
C GLU A 103 -5.18 -2.40 -23.15
N VAL A 104 -4.79 -3.66 -23.02
CA VAL A 104 -3.38 -4.03 -22.95
C VAL A 104 -3.02 -4.73 -24.26
N LEU A 105 -2.10 -4.15 -25.02
CA LEU A 105 -1.76 -4.66 -26.35
C LEU A 105 -0.26 -4.92 -26.50
N GLU A 106 0.10 -5.59 -27.61
CA GLU A 106 1.49 -5.93 -27.93
C GLU A 106 2.19 -6.57 -26.72
N ASN A 107 1.51 -7.54 -26.12
CA ASN A 107 1.99 -8.20 -24.92
C ASN A 107 2.56 -7.22 -23.89
N GLY A 108 1.70 -6.35 -23.38
CA GLY A 108 2.09 -5.41 -22.33
C GLY A 108 3.14 -4.39 -22.73
N ARG A 109 3.25 -4.13 -24.02
CA ARG A 109 4.15 -3.09 -24.50
C ARG A 109 3.39 -1.77 -24.53
N VAL A 110 2.15 -1.82 -25.02
CA VAL A 110 1.31 -0.62 -25.08
C VAL A 110 0.02 -0.79 -24.26
N TYR A 111 -0.43 0.33 -23.70
CA TYR A 111 -1.70 0.40 -22.97
C TYR A 111 -2.52 1.56 -23.50
N ILE A 112 -3.78 1.30 -23.81
CA ILE A 112 -4.72 2.33 -24.20
C ILE A 112 -5.72 2.52 -23.08
N PHE A 113 -5.95 3.77 -22.68
CA PHE A 113 -6.99 4.11 -21.72
C PHE A 113 -8.05 4.96 -22.41
N HIS A 114 -9.30 4.56 -22.24
CA HIS A 114 -10.43 5.24 -22.85
C HIS A 114 -11.11 6.14 -21.83
N LEU A 115 -11.07 7.43 -22.09
CA LEU A 115 -11.55 8.43 -21.15
C LEU A 115 -13.02 8.71 -21.38
N ARG A 116 -13.59 9.52 -20.50
CA ARG A 116 -15.02 9.77 -20.47
C ARG A 116 -15.21 11.16 -21.04
N LYS A 117 -15.91 11.24 -22.16
CA LYS A 117 -16.14 12.48 -22.86
C LYS A 117 -17.01 13.41 -22.01
N GLY A 118 -16.65 14.68 -21.97
CA GLY A 118 -17.41 15.68 -21.23
C GLY A 118 -16.98 15.90 -19.79
N VAL A 119 -15.97 15.17 -19.32
CA VAL A 119 -15.44 15.42 -17.99
C VAL A 119 -14.80 16.80 -17.96
N LYS A 120 -15.13 17.56 -16.93
CA LYS A 120 -14.59 18.89 -16.78
C LYS A 120 -13.81 18.99 -15.48
N TRP A 121 -12.74 19.80 -15.49
CA TRP A 121 -12.02 20.17 -14.28
C TRP A 121 -12.93 20.96 -13.35
N SER A 122 -12.50 21.13 -12.10
CA SER A 122 -13.31 21.81 -11.08
C SER A 122 -13.65 23.27 -11.39
N ASP A 123 -12.92 23.89 -12.31
CA ASP A 123 -13.25 25.24 -12.79
C ASP A 123 -14.13 25.26 -14.04
N GLY A 124 -14.47 24.08 -14.58
CA GLY A 124 -15.33 24.00 -15.77
C GLY A 124 -14.61 23.65 -17.06
N ALA A 125 -13.29 23.83 -17.10
CA ALA A 125 -12.54 23.57 -18.33
C ALA A 125 -12.54 22.08 -18.68
N PRO A 126 -12.47 21.76 -19.97
CA PRO A 126 -12.53 20.36 -20.37
C PRO A 126 -11.28 19.54 -20.01
N TYR A 127 -11.52 18.31 -19.57
CA TYR A 127 -10.47 17.38 -19.28
C TYR A 127 -10.35 16.43 -20.45
N THR A 128 -9.12 16.29 -20.96
CA THR A 128 -8.85 15.49 -22.14
C THR A 128 -7.57 14.71 -21.92
N ALA A 129 -7.23 13.86 -22.88
CA ALA A 129 -6.01 13.07 -22.81
C ALA A 129 -4.77 13.93 -22.95
N HIS A 130 -4.92 15.15 -23.46
CA HIS A 130 -3.79 16.07 -23.56
C HIS A 130 -3.30 16.49 -22.18
N ASP A 131 -4.19 16.52 -21.19
CA ASP A 131 -3.79 16.80 -19.80
C ASP A 131 -2.90 15.69 -19.23
N ILE A 132 -3.11 14.46 -19.66
CA ILE A 132 -2.26 13.35 -19.25
C ILE A 132 -0.91 13.48 -19.93
N VAL A 133 -0.92 13.75 -21.23
CA VAL A 133 0.32 13.89 -22.00
C VAL A 133 1.14 15.05 -21.42
N PHE A 134 0.48 16.17 -21.21
CA PHE A 134 1.11 17.31 -20.58
C PHE A 134 1.81 16.89 -19.29
N TRP A 135 1.12 16.13 -18.47
CA TRP A 135 1.67 15.66 -17.22
C TRP A 135 2.89 14.75 -17.42
N VAL A 136 2.80 13.73 -18.26
CA VAL A 136 3.92 12.77 -18.36
C VAL A 136 5.13 13.41 -19.03
N ASN A 137 4.93 14.21 -20.07
CA ASN A 137 6.05 14.79 -20.82
C ASN A 137 6.64 16.02 -20.17
N ASP A 138 5.78 16.97 -19.79
CA ASP A 138 6.22 18.30 -19.39
C ASP A 138 6.30 18.51 -17.87
N ILE A 139 5.89 17.52 -17.08
CA ILE A 139 6.07 17.58 -15.63
C ILE A 139 6.97 16.42 -15.19
N VAL A 140 6.49 15.20 -15.36
CA VAL A 140 7.27 14.04 -14.96
C VAL A 140 8.55 14.01 -15.79
N GLY A 141 8.40 14.15 -17.10
CA GLY A 141 9.54 14.09 -18.03
C GLY A 141 10.32 15.38 -18.20
N ASN A 142 10.15 16.31 -17.27
CA ASN A 142 10.88 17.58 -17.27
C ASN A 142 11.92 17.59 -16.15
N ASP A 143 13.20 17.68 -16.55
CA ASP A 143 14.33 17.51 -15.62
C ASP A 143 14.41 18.59 -14.53
N ASP A 144 13.99 19.80 -14.85
CA ASP A 144 13.98 20.89 -13.87
C ASP A 144 12.92 20.64 -12.80
N ILE A 145 11.69 20.40 -13.24
CA ILE A 145 10.56 20.17 -12.35
C ILE A 145 10.75 18.87 -11.59
N THR A 146 11.10 17.81 -12.31
CA THR A 146 11.27 16.48 -11.73
C THR A 146 12.68 15.94 -12.02
N PRO A 147 13.66 16.26 -11.14
CA PRO A 147 15.04 15.78 -11.38
C PRO A 147 15.18 14.27 -11.25
N SER A 148 14.46 13.66 -10.31
CA SER A 148 14.49 12.22 -10.12
C SER A 148 13.25 11.58 -10.72
N LYS A 149 13.46 10.74 -11.72
CA LYS A 149 12.36 10.12 -12.47
C LYS A 149 11.75 8.92 -11.72
N PRO A 150 10.49 8.59 -12.02
CA PRO A 150 9.88 7.40 -11.44
C PRO A 150 10.24 6.12 -12.19
N ASP A 151 10.14 5.00 -11.47
CA ASP A 151 10.36 3.66 -12.01
C ASP A 151 9.83 3.47 -13.45
N TRP A 152 8.53 3.69 -13.63
CA TRP A 152 7.87 3.49 -14.92
C TRP A 152 8.37 4.41 -16.03
N TYR A 153 8.79 5.63 -15.68
CA TYR A 153 9.31 6.55 -16.69
C TYR A 153 10.73 6.20 -17.14
N ASN A 154 11.52 5.58 -16.26
CA ASN A 154 12.89 5.17 -16.59
C ASN A 154 12.91 3.99 -17.55
N ILE A 155 11.89 3.14 -17.50
CA ILE A 155 11.60 2.28 -18.63
C ILE A 155 11.16 3.26 -19.71
N GLY A 156 11.68 3.13 -20.92
CA GLY A 156 11.33 4.06 -21.99
C GLY A 156 9.82 4.08 -22.24
N VAL A 157 9.23 5.26 -22.31
CA VAL A 157 7.79 5.38 -22.55
C VAL A 157 7.44 6.53 -23.50
N LYS A 158 6.54 6.25 -24.43
CA LYS A 158 6.00 7.28 -25.33
C LYS A 158 4.49 7.39 -25.06
N VAL A 159 4.02 8.61 -24.82
CA VAL A 159 2.63 8.86 -24.47
C VAL A 159 2.01 9.88 -25.42
N GLU A 160 0.85 9.54 -25.97
CA GLU A 160 0.19 10.40 -26.95
C GLU A 160 -1.33 10.31 -26.86
N ALA A 161 -1.98 11.42 -27.19
CA ALA A 161 -3.42 11.46 -27.23
C ALA A 161 -3.87 11.06 -28.63
N LEU A 162 -4.29 9.81 -28.78
CA LEU A 162 -4.82 9.31 -30.06
C LEU A 162 -6.03 10.14 -30.48
N ASP A 163 -6.82 10.56 -29.50
CA ASP A 163 -7.78 11.64 -29.67
C ASP A 163 -8.03 12.25 -28.30
N ASP A 164 -8.97 13.19 -28.21
CA ASP A 164 -9.24 13.88 -26.96
C ASP A 164 -9.52 12.96 -25.78
N TYR A 165 -10.04 11.78 -26.07
CA TYR A 165 -10.50 10.88 -25.02
C TYR A 165 -9.85 9.50 -25.08
N THR A 166 -8.69 9.43 -25.73
CA THR A 166 -7.91 8.20 -25.77
C THR A 166 -6.44 8.55 -25.60
N VAL A 167 -5.81 7.89 -24.62
CA VAL A 167 -4.39 8.10 -24.34
C VAL A 167 -3.70 6.76 -24.46
N LYS A 168 -2.51 6.78 -25.06
CA LYS A 168 -1.74 5.59 -25.34
C LYS A 168 -0.39 5.68 -24.66
N PHE A 169 -0.08 4.69 -23.84
CA PHE A 169 1.24 4.55 -23.24
C PHE A 169 1.96 3.43 -23.97
N GLU A 170 3.02 3.77 -24.71
CA GLU A 170 3.84 2.76 -25.40
C GLU A 170 5.19 2.68 -24.72
N PHE A 171 5.48 1.52 -24.14
CA PHE A 171 6.78 1.28 -23.51
C PHE A 171 7.75 0.62 -24.49
N SER A 172 9.04 0.79 -24.25
CA SER A 172 10.05 0.01 -24.97
C SER A 172 10.10 -1.35 -24.31
N LYS A 173 9.72 -2.40 -25.04
CA LYS A 173 9.59 -3.77 -24.51
C LYS A 173 8.28 -3.98 -23.73
N PRO A 174 7.99 -5.23 -23.33
CA PRO A 174 6.82 -5.43 -22.48
C PRO A 174 7.03 -4.97 -21.05
N TYR A 175 5.93 -4.71 -20.35
CA TYR A 175 5.95 -4.17 -19.00
C TYR A 175 4.60 -4.36 -18.32
N GLY A 176 4.34 -5.60 -17.90
CA GLY A 176 3.08 -5.98 -17.28
C GLY A 176 2.82 -5.31 -15.95
N LEU A 177 3.89 -4.95 -15.25
CA LEU A 177 3.79 -4.33 -13.93
C LEU A 177 3.09 -2.97 -13.95
N PHE A 178 3.03 -2.34 -15.12
CA PHE A 178 2.45 -1.01 -15.24
C PHE A 178 1.02 -0.95 -14.72
N LEU A 179 0.24 -2.00 -14.94
CA LEU A 179 -1.14 -2.03 -14.45
C LEU A 179 -1.23 -1.82 -12.94
N LEU A 180 -0.21 -2.27 -12.21
CA LEU A 180 -0.17 -2.09 -10.76
C LEU A 180 0.29 -0.69 -10.34
N LYS A 181 0.81 0.08 -11.29
CA LYS A 181 1.23 1.45 -11.03
C LYS A 181 0.06 2.40 -11.08
N VAL A 182 -0.89 2.11 -11.98
CA VAL A 182 -1.98 3.03 -12.27
C VAL A 182 -2.90 3.35 -11.09
N PRO A 183 -3.29 2.34 -10.29
CA PRO A 183 -4.09 2.60 -9.09
C PRO A 183 -3.34 3.32 -7.98
N TYR A 184 -2.00 3.29 -8.04
CA TYR A 184 -1.17 3.93 -7.03
C TYR A 184 -0.89 5.39 -7.39
N GLY A 185 -0.52 5.63 -8.64
CA GLY A 185 0.04 6.91 -9.07
C GLY A 185 -0.93 7.90 -9.64
N GLY A 186 -0.39 9.01 -10.15
CA GLY A 186 -1.17 10.18 -10.57
C GLY A 186 -1.36 10.30 -12.08
N PHE A 187 -1.73 9.19 -12.72
CA PHE A 187 -1.81 9.11 -14.18
C PHE A 187 -3.00 9.87 -14.77
N THR A 188 -3.83 10.47 -13.92
CA THR A 188 -4.91 11.31 -14.39
C THR A 188 -4.42 12.63 -14.96
N GLY A 189 -3.17 12.99 -14.64
CA GLY A 189 -2.53 14.14 -15.27
C GLY A 189 -2.70 15.42 -14.49
N ALA A 190 -2.58 16.55 -15.18
CA ALA A 190 -2.68 17.86 -14.54
C ALA A 190 -3.25 18.88 -15.54
N PRO A 191 -3.80 19.99 -15.02
CA PRO A 191 -4.55 20.93 -15.87
C PRO A 191 -3.67 21.86 -16.69
N ALA A 192 -3.34 21.42 -17.90
CA ALA A 192 -2.50 22.20 -18.81
C ALA A 192 -3.04 23.60 -19.05
N HIS A 193 -4.35 23.74 -19.14
CA HIS A 193 -4.96 25.04 -19.41
C HIS A 193 -4.63 26.07 -18.33
N TYR A 194 -4.42 25.58 -17.10
CA TYR A 194 -4.04 26.43 -15.98
C TYR A 194 -2.53 26.55 -15.83
N LEU A 195 -1.80 25.44 -16.00
CA LEU A 195 -0.38 25.39 -15.65
C LEU A 195 0.61 25.88 -16.71
N LYS A 196 0.21 25.81 -17.98
CA LYS A 196 1.10 26.19 -19.09
C LYS A 196 1.64 27.62 -18.98
N GLN A 197 0.88 28.52 -18.34
CA GLN A 197 1.33 29.90 -18.12
C GLN A 197 2.57 30.00 -17.21
N PHE A 198 2.86 28.93 -16.47
CA PHE A 198 4.01 28.85 -15.59
C PHE A 198 5.15 27.98 -16.14
N HIS A 199 5.02 27.54 -17.38
CA HIS A 199 5.94 26.58 -17.97
C HIS A 199 6.68 27.19 -19.17
N PRO A 200 8.02 27.30 -19.08
CA PRO A 200 8.85 27.92 -20.13
C PRO A 200 8.73 27.35 -21.54
N LYS A 201 8.40 26.07 -21.66
CA LYS A 201 8.17 25.46 -22.97
C LYS A 201 6.97 26.07 -23.70
N TYR A 202 5.97 26.53 -22.96
CA TYR A 202 4.74 27.07 -23.55
C TYR A 202 4.59 28.56 -23.38
N THR A 203 5.37 29.15 -22.49
CA THR A 203 5.25 30.58 -22.17
C THR A 203 6.62 31.23 -22.24
N PRO A 204 6.69 32.45 -22.82
CA PRO A 204 7.95 33.20 -22.76
C PRO A 204 8.45 33.36 -21.33
N MET A 205 9.73 33.07 -21.12
CA MET A 205 10.34 33.17 -19.80
C MET A 205 10.15 34.54 -19.15
N GLU A 206 10.10 35.60 -19.96
CA GLU A 206 9.88 36.96 -19.43
C GLU A 206 8.50 37.11 -18.81
N GLU A 207 7.51 36.44 -19.37
CA GLU A 207 6.16 36.48 -18.83
C GLU A 207 6.06 35.70 -17.54
N ILE A 208 6.81 34.59 -17.48
CA ILE A 208 6.87 33.78 -16.28
C ILE A 208 7.53 34.54 -15.12
N GLU A 209 8.62 35.24 -15.41
CA GLU A 209 9.33 36.01 -14.38
C GLU A 209 8.47 37.11 -13.77
N LYS A 210 7.54 37.64 -14.55
CA LYS A 210 6.63 38.70 -14.07
C LYS A 210 5.63 38.19 -13.04
N LYS A 211 5.43 36.88 -12.97
CA LYS A 211 4.50 36.25 -12.01
C LYS A 211 5.20 35.66 -10.79
N MET A 212 6.51 35.51 -10.87
CA MET A 212 7.30 35.16 -9.68
C MET A 212 7.22 36.29 -8.68
N VAL A 213 7.31 35.93 -7.41
CA VAL A 213 7.29 36.91 -6.34
C VAL A 213 8.60 36.72 -5.60
N GLU A 214 9.23 37.84 -5.24
CA GLU A 214 10.56 37.83 -4.67
C GLU A 214 10.49 37.45 -3.19
N GLY A 215 11.52 36.73 -2.73
CA GLY A 215 11.57 36.23 -1.36
C GLY A 215 10.78 34.94 -1.16
N VAL A 216 10.21 34.42 -2.24
CA VAL A 216 9.45 33.17 -2.22
C VAL A 216 9.80 32.25 -3.40
N HIS A 217 9.74 32.77 -4.62
CA HIS A 217 10.04 31.99 -5.83
C HIS A 217 11.40 32.40 -6.38
N ASN A 218 12.42 31.60 -6.11
CA ASN A 218 13.78 31.90 -6.56
C ASN A 218 14.02 31.47 -7.99
N THR A 219 13.42 30.36 -8.38
CA THR A 219 13.48 29.89 -9.76
C THR A 219 12.05 29.71 -10.28
N TRP A 220 11.91 29.40 -11.56
CA TRP A 220 10.59 29.20 -12.17
C TRP A 220 9.98 27.90 -11.73
N VAL A 221 10.82 26.94 -11.40
CA VAL A 221 10.39 25.66 -10.85
C VAL A 221 9.63 25.88 -9.54
N ASP A 222 10.09 26.84 -8.73
CA ASP A 222 9.45 27.13 -7.44
C ASP A 222 8.04 27.66 -7.64
N LEU A 223 7.88 28.52 -8.63
CA LEU A 223 6.57 29.05 -8.99
C LEU A 223 5.67 27.92 -9.51
N PHE A 224 6.22 27.06 -10.37
CA PHE A 224 5.42 25.98 -10.94
C PHE A 224 4.91 25.02 -9.87
N ASN A 225 5.81 24.57 -9.00
CA ASN A 225 5.44 23.64 -7.94
C ASN A 225 4.47 24.24 -6.92
N ASP A 226 4.56 25.55 -6.69
CA ASP A 226 3.61 26.25 -5.83
C ASP A 226 2.23 26.29 -6.46
N LYS A 227 2.22 26.49 -7.76
CA LYS A 227 0.98 26.53 -8.52
C LYS A 227 0.38 25.13 -8.70
N ASN A 228 1.23 24.13 -8.87
CA ASN A 228 0.75 22.76 -9.04
C ASN A 228 0.69 22.03 -7.69
N ASP A 229 0.49 22.78 -6.61
CA ASP A 229 0.42 22.24 -5.26
C ASP A 229 -1.04 22.05 -4.87
N PHE A 230 -1.49 20.80 -4.83
CA PHE A 230 -2.90 20.47 -4.56
C PHE A 230 -3.38 20.90 -3.17
N LEU A 231 -2.43 21.03 -2.24
CA LEU A 231 -2.72 21.35 -0.85
C LEU A 231 -2.77 22.85 -0.65
N GLU A 232 -1.79 23.55 -1.20
CA GLU A 232 -1.59 24.99 -0.95
C GLU A 232 -2.40 25.87 -1.90
N ASN A 233 -2.49 25.47 -3.17
CA ASN A 233 -3.06 26.35 -4.20
C ASN A 233 -4.57 26.17 -4.41
N THR A 234 -5.32 27.00 -3.72
CA THR A 234 -6.77 27.15 -3.86
C THR A 234 -7.25 27.39 -5.30
N GLU A 235 -6.35 27.86 -6.17
CA GLU A 235 -6.73 28.18 -7.54
C GLU A 235 -6.50 27.03 -8.51
N LEU A 236 -5.88 25.97 -8.05
CA LEU A 236 -5.53 24.84 -8.91
C LEU A 236 -6.77 24.00 -9.31
N PRO A 237 -7.12 23.96 -10.61
CA PRO A 237 -8.22 23.08 -11.02
C PRO A 237 -7.92 21.64 -10.70
N THR A 238 -8.95 20.90 -10.33
CA THR A 238 -8.76 19.53 -9.86
C THR A 238 -9.85 18.59 -10.38
N LEU A 239 -9.52 17.29 -10.39
CA LEU A 239 -10.47 16.22 -10.68
C LEU A 239 -10.96 15.53 -9.41
N SER A 240 -10.48 15.98 -8.25
CA SER A 240 -10.83 15.36 -6.98
C SER A 240 -12.28 15.66 -6.56
N PRO A 241 -12.86 14.79 -5.72
CA PRO A 241 -14.20 15.05 -5.18
C PRO A 241 -14.29 16.29 -4.27
N TRP A 242 -13.19 16.69 -3.66
CA TRP A 242 -13.17 17.97 -2.96
C TRP A 242 -11.92 18.75 -3.31
N LYS A 243 -11.97 20.07 -3.10
CA LYS A 243 -10.89 21.01 -3.42
C LYS A 243 -10.68 21.96 -2.22
N PRO A 244 -9.43 22.38 -1.98
CA PRO A 244 -9.20 23.30 -0.87
C PRO A 244 -9.75 24.71 -1.09
N ILE A 245 -10.48 25.24 -0.12
CA ILE A 245 -10.92 26.63 -0.17
C ILE A 245 -10.29 27.54 0.93
N THR A 246 -9.45 26.97 1.78
CA THR A 246 -8.70 27.77 2.78
C THR A 246 -7.23 27.36 2.81
N ASP A 247 -6.42 28.18 3.47
CA ASP A 247 -4.98 27.94 3.59
C ASP A 247 -4.76 26.84 4.62
N PRO A 248 -3.79 25.94 4.38
CA PRO A 248 -3.52 24.88 5.36
C PRO A 248 -2.86 25.35 6.66
N THR A 249 -2.34 26.57 6.71
CA THR A 249 -1.77 27.12 7.95
C THR A 249 -2.87 27.62 8.88
N GLU A 250 -4.01 28.04 8.33
CA GLU A 250 -5.18 28.38 9.15
C GLU A 250 -5.52 27.17 10.01
N GLN A 251 -6.23 27.39 11.10
CA GLN A 251 -6.50 26.28 12.03
C GLN A 251 -7.54 25.32 11.46
N PHE A 252 -8.43 25.82 10.62
CA PHE A 252 -9.36 24.97 9.88
C PHE A 252 -9.04 24.96 8.37
N TYR A 253 -8.48 23.84 7.92
CA TYR A 253 -8.22 23.61 6.51
C TYR A 253 -9.47 22.97 5.89
N ILE A 254 -10.12 23.69 4.99
CA ILE A 254 -11.42 23.28 4.47
C ILE A 254 -11.39 22.87 3.00
N LEU A 255 -11.94 21.68 2.73
CA LEU A 255 -12.18 21.22 1.36
C LEU A 255 -13.66 21.34 1.03
N GLU A 256 -13.95 21.84 -0.16
CA GLU A 256 -15.32 21.99 -0.62
C GLU A 256 -15.54 21.02 -1.79
N ARG A 257 -16.78 20.57 -1.94
CA ARG A 257 -17.13 19.67 -3.01
C ARG A 257 -16.77 20.26 -4.36
N ASN A 258 -16.23 19.42 -5.23
CA ASN A 258 -15.96 19.77 -6.62
C ASN A 258 -17.26 19.67 -7.41
N PRO A 259 -17.82 20.80 -7.84
CA PRO A 259 -19.14 20.77 -8.48
C PRO A 259 -19.14 20.10 -9.84
N TYR A 260 -17.96 19.84 -10.41
CA TYR A 260 -17.81 19.13 -11.68
C TYR A 260 -17.36 17.69 -11.50
N PHE A 261 -17.51 17.14 -10.30
CA PHE A 261 -17.09 15.75 -10.06
C PHE A 261 -17.89 14.81 -10.95
N TRP A 262 -17.22 13.76 -11.41
CA TRP A 262 -17.59 13.01 -12.62
C TRP A 262 -18.09 11.62 -12.33
N ALA A 263 -18.40 11.34 -11.06
CA ALA A 263 -18.96 10.04 -10.70
C ALA A 263 -20.29 10.25 -10.02
N VAL A 264 -21.16 9.25 -10.16
CA VAL A 264 -22.46 9.26 -9.51
C VAL A 264 -22.74 7.93 -8.80
N ASP A 265 -23.79 7.98 -8.01
CA ASP A 265 -24.48 6.83 -7.41
C ASP A 265 -25.13 5.92 -8.39
N ILE A 266 -25.53 4.75 -7.90
CA ILE A 266 -26.50 3.93 -8.61
C ILE A 266 -27.85 4.64 -8.80
N GLU A 267 -28.21 5.57 -7.93
CA GLU A 267 -29.42 6.38 -8.14
C GLU A 267 -29.17 7.69 -8.91
N GLY A 268 -27.98 7.88 -9.45
CA GLY A 268 -27.67 9.11 -10.19
C GLY A 268 -27.34 10.36 -9.38
N ASN A 269 -27.15 10.22 -8.06
CA ASN A 269 -26.60 11.32 -7.26
C ASN A 269 -25.13 11.62 -7.61
N GLN A 270 -24.85 12.86 -7.99
CA GLN A 270 -23.48 13.30 -8.25
C GLN A 270 -22.70 13.35 -6.94
N LEU A 271 -21.63 12.58 -6.88
CA LEU A 271 -20.80 12.53 -5.69
C LEU A 271 -19.89 13.76 -5.62
N PRO A 272 -19.28 14.00 -4.45
CA PRO A 272 -19.45 13.27 -3.18
C PRO A 272 -20.78 13.55 -2.52
N TYR A 273 -21.15 12.78 -1.52
CA TYR A 273 -22.33 13.08 -0.74
C TYR A 273 -22.07 14.27 0.17
N ILE A 274 -20.88 14.28 0.75
CA ILE A 274 -20.50 15.26 1.76
C ILE A 274 -20.08 16.59 1.10
N ASP A 275 -20.61 17.70 1.63
CA ASP A 275 -20.39 19.02 1.05
C ASP A 275 -19.00 19.57 1.38
N TYR A 276 -18.60 19.42 2.63
CA TYR A 276 -17.33 19.95 3.11
C TYR A 276 -16.63 18.95 4.00
N VAL A 277 -15.30 18.95 3.95
CA VAL A 277 -14.52 18.21 4.93
C VAL A 277 -13.51 19.18 5.53
N ARG A 278 -13.54 19.30 6.86
CA ARG A 278 -12.70 20.26 7.55
C ARG A 278 -11.73 19.57 8.50
N HIS A 279 -10.45 19.91 8.36
CA HIS A 279 -9.42 19.45 9.27
C HIS A 279 -9.06 20.59 10.23
N GLU A 280 -9.08 20.28 11.52
CA GLU A 280 -8.53 21.19 12.53
C GLU A 280 -7.05 20.89 12.76
N TYR A 281 -6.23 21.94 12.74
CA TYR A 281 -4.83 21.79 13.12
C TYR A 281 -4.76 21.38 14.60
N VAL A 282 -3.95 20.39 14.90
CA VAL A 282 -3.75 19.95 16.27
C VAL A 282 -2.26 19.79 16.54
N LYS A 283 -1.90 19.95 17.81
CA LYS A 283 -0.50 20.05 18.20
C LYS A 283 0.19 18.70 18.36
N ASN A 284 -0.57 17.65 18.68
CA ASN A 284 0.01 16.35 19.04
C ASN A 284 -1.00 15.21 19.02
N ASP A 285 -0.48 13.98 19.11
CA ASP A 285 -1.31 12.78 19.20
C ASP A 285 -2.38 12.83 20.29
N GLU A 286 -2.06 13.49 21.41
CA GLU A 286 -2.93 13.49 22.58
C GLU A 286 -4.18 14.34 22.38
N VAL A 287 -4.05 15.45 21.67
CA VAL A 287 -5.25 16.22 21.27
C VAL A 287 -6.12 15.38 20.31
N ILE A 288 -5.49 14.55 19.48
CA ILE A 288 -6.21 13.70 18.55
C ILE A 288 -7.06 12.67 19.30
N LEU A 289 -6.47 12.06 20.31
CA LEU A 289 -7.14 11.00 21.04
C LEU A 289 -8.32 11.54 21.86
N LEU A 290 -8.15 12.71 22.45
CA LEU A 290 -9.22 13.30 23.25
C LEU A 290 -10.42 13.71 22.42
N LYS A 291 -10.17 14.17 21.20
CA LYS A 291 -11.24 14.61 20.32
C LYS A 291 -11.96 13.41 19.71
N ALA A 292 -11.19 12.38 19.38
CA ALA A 292 -11.74 11.10 18.94
C ALA A 292 -12.70 10.55 19.99
N ILE A 293 -12.18 10.41 21.20
CA ILE A 293 -12.90 9.86 22.34
C ILE A 293 -14.13 10.68 22.73
N SER A 294 -14.10 11.97 22.46
CA SER A 294 -15.21 12.86 22.81
C SER A 294 -16.25 12.93 21.70
N GLY A 295 -16.04 12.17 20.62
CA GLY A 295 -16.95 12.18 19.49
C GLY A 295 -16.89 13.45 18.69
N GLU A 296 -15.71 14.06 18.63
CA GLU A 296 -15.51 15.30 17.87
C GLU A 296 -14.90 15.02 16.50
N ILE A 297 -14.65 13.75 16.18
CA ILE A 297 -14.19 13.34 14.87
C ILE A 297 -15.26 12.46 14.21
N ASP A 298 -15.70 12.86 13.02
CA ASP A 298 -16.79 12.19 12.33
C ASP A 298 -16.36 10.86 11.72
N MET A 299 -15.15 10.84 11.16
CA MET A 299 -14.52 9.59 10.74
C MET A 299 -13.05 9.84 10.45
N GLN A 300 -12.19 8.97 10.96
CA GLN A 300 -10.77 9.09 10.70
C GLN A 300 -10.07 7.80 11.06
N TRP A 301 -9.04 7.51 10.30
CA TRP A 301 -8.16 6.39 10.56
C TRP A 301 -6.73 6.88 10.77
N ARG A 302 -6.35 7.94 10.07
CA ARG A 302 -4.96 8.27 9.87
C ARG A 302 -4.12 8.17 11.14
N HIS A 303 -4.38 9.02 12.12
CA HIS A 303 -3.55 8.99 13.33
C HIS A 303 -4.12 8.08 14.39
N ILE A 304 -5.42 7.85 14.32
CA ILE A 304 -6.14 6.90 15.16
C ILE A 304 -5.54 5.48 15.06
N GLY A 305 -5.23 5.06 13.82
CA GLY A 305 -4.79 3.69 13.52
C GLY A 305 -3.36 3.30 13.87
N GLY A 306 -2.51 4.28 14.18
CA GLY A 306 -1.17 4.02 14.75
C GLY A 306 -1.21 3.96 16.26
N LEU A 307 -2.05 4.82 16.86
CA LEU A 307 -2.30 4.83 18.30
C LEU A 307 -3.03 3.55 18.73
N GLY A 308 -3.97 3.08 17.92
CA GLY A 308 -4.72 1.85 18.20
C GLY A 308 -3.91 0.56 18.24
N ALA A 309 -2.67 0.60 17.74
CA ALA A 309 -1.73 -0.51 17.91
C ALA A 309 -1.42 -0.72 19.40
N GLY A 310 -1.19 0.39 20.10
CA GLY A 310 -0.95 0.39 21.55
C GLY A 310 -2.20 0.07 22.35
N ALA A 311 -2.06 -0.83 23.32
CA ALA A 311 -3.18 -1.37 24.11
C ALA A 311 -3.96 -0.28 24.87
N GLY A 312 -3.24 0.67 25.45
CA GLY A 312 -3.84 1.76 26.22
C GLY A 312 -4.80 2.64 25.42
N ASN A 313 -4.51 2.80 24.12
CA ASN A 313 -5.32 3.65 23.24
C ASN A 313 -6.54 2.90 22.67
N PHE A 314 -6.34 1.64 22.29
CA PHE A 314 -7.43 0.82 21.77
C PHE A 314 -8.54 0.63 22.81
N THR A 315 -8.16 0.23 24.02
CA THR A 315 -9.12 0.09 25.13
C THR A 315 -9.93 1.37 25.30
N LEU A 316 -9.22 2.48 25.36
CA LEU A 316 -9.84 3.77 25.59
C LEU A 316 -10.84 4.14 24.48
N LEU A 317 -10.49 3.85 23.23
CA LEU A 317 -11.39 4.07 22.09
C LEU A 317 -12.64 3.23 22.22
N MET A 318 -12.44 1.96 22.54
CA MET A 318 -13.55 1.05 22.74
C MET A 318 -14.42 1.51 23.90
N GLU A 319 -13.81 1.70 25.07
CA GLU A 319 -14.54 2.13 26.28
C GLU A 319 -15.35 3.39 26.02
N ASN A 320 -14.85 4.28 25.16
CA ASN A 320 -15.55 5.53 24.89
C ASN A 320 -16.50 5.57 23.69
N SER A 321 -16.60 4.48 22.92
CA SER A 321 -17.47 4.44 21.74
C SER A 321 -18.89 4.82 22.10
N GLN A 322 -19.39 4.22 23.17
CA GLN A 322 -20.78 4.41 23.57
C GLN A 322 -21.05 5.88 23.92
N SER A 323 -20.27 6.43 24.86
CA SER A 323 -20.42 7.85 25.25
C SER A 323 -20.10 8.80 24.11
N GLY A 324 -19.06 8.48 23.34
CA GLY A 324 -18.66 9.28 22.19
C GLY A 324 -19.59 9.27 20.98
N GLY A 325 -20.52 8.31 20.91
CA GLY A 325 -21.46 8.23 19.79
C GLY A 325 -20.81 7.78 18.49
N TYR A 326 -19.89 6.82 18.59
CA TYR A 326 -19.16 6.33 17.43
C TYR A 326 -18.89 4.85 17.56
N ARG A 327 -18.35 4.25 16.50
CA ARG A 327 -17.97 2.86 16.52
C ARG A 327 -16.52 2.72 16.11
N VAL A 328 -15.88 1.66 16.57
CA VAL A 328 -14.48 1.39 16.25
C VAL A 328 -14.44 0.33 15.16
N LEU A 329 -13.82 0.68 14.05
CA LEU A 329 -13.73 -0.23 12.91
C LEU A 329 -12.45 -1.04 13.03
N LYS A 330 -12.60 -2.36 12.98
CA LYS A 330 -11.51 -3.30 13.21
C LYS A 330 -10.71 -3.51 11.93
N TRP A 331 -10.16 -2.44 11.38
CA TRP A 331 -9.29 -2.56 10.21
C TRP A 331 -7.92 -3.07 10.65
N ILE A 332 -7.24 -3.78 9.76
CA ILE A 332 -5.94 -4.37 10.07
C ILE A 332 -4.82 -3.73 9.25
N ALA A 333 -3.59 -3.82 9.77
CA ALA A 333 -2.39 -3.44 9.02
C ALA A 333 -2.07 -4.60 8.10
N ALA A 334 -1.27 -4.32 7.07
CA ALA A 334 -0.98 -5.32 6.04
C ALA A 334 0.38 -5.98 6.27
N ASN A 335 0.62 -6.43 7.49
CA ASN A 335 1.85 -7.16 7.78
C ASN A 335 1.58 -8.63 8.06
N GLY A 336 2.31 -9.49 7.34
CA GLY A 336 2.20 -10.94 7.52
C GLY A 336 2.74 -11.41 8.86
N SER A 337 3.56 -10.57 9.49
CA SER A 337 4.01 -10.78 10.84
C SER A 337 4.50 -9.47 11.41
N ALA A 338 4.30 -9.28 12.71
CA ALA A 338 4.87 -8.13 13.39
C ALA A 338 6.35 -8.37 13.73
N SER A 339 6.76 -9.64 13.77
CA SER A 339 8.14 -9.98 14.14
C SER A 339 8.51 -11.39 13.71
N ARG A 340 9.15 -11.49 12.54
CA ARG A 340 9.58 -12.78 11.99
C ARG A 340 11.10 -12.93 12.03
N ILE A 341 11.59 -14.13 11.71
CA ILE A 341 13.01 -14.44 11.73
C ILE A 341 13.41 -15.25 10.51
N SER A 342 14.63 -15.00 10.05
CA SER A 342 15.24 -15.87 9.05
C SER A 342 16.62 -16.27 9.58
N LEU A 343 17.00 -17.51 9.34
CA LEU A 343 18.32 -18.00 9.73
C LEU A 343 19.28 -17.70 8.60
N ASN A 344 20.57 -17.66 8.91
CA ASN A 344 21.58 -17.36 7.91
C ASN A 344 21.88 -18.60 7.09
N TYR A 345 21.25 -18.71 5.92
CA TYR A 345 21.37 -19.91 5.08
C TYR A 345 22.62 -19.89 4.21
N ALA A 346 23.41 -18.82 4.31
CA ALA A 346 24.75 -18.78 3.78
C ALA A 346 25.79 -18.65 4.91
N HIS A 347 25.45 -19.15 6.09
CA HIS A 347 26.31 -19.05 7.27
C HIS A 347 27.74 -19.51 7.00
N SER A 348 28.72 -18.76 7.51
CA SER A 348 30.12 -19.07 7.26
C SER A 348 30.54 -20.40 7.89
N ASP A 349 30.14 -20.60 9.14
CA ASP A 349 30.20 -21.89 9.81
C ASP A 349 29.42 -22.99 9.06
N GLU A 350 30.18 -23.88 8.42
CA GLU A 350 29.62 -24.93 7.56
C GLU A 350 28.69 -25.91 8.30
N VAL A 351 28.92 -26.08 9.61
CA VAL A 351 28.14 -27.01 10.41
C VAL A 351 26.74 -26.44 10.65
N LEU A 352 26.68 -25.21 11.16
CA LEU A 352 25.41 -24.49 11.33
C LEU A 352 24.68 -24.30 10.00
N ARG A 353 25.40 -23.93 8.94
CA ARG A 353 24.77 -23.79 7.64
C ARG A 353 23.93 -25.02 7.32
N LYS A 354 24.53 -26.21 7.48
CA LYS A 354 23.86 -27.49 7.20
C LYS A 354 22.58 -27.67 8.00
N VAL A 355 22.67 -27.50 9.32
CA VAL A 355 21.51 -27.54 10.19
C VAL A 355 20.43 -26.54 9.76
N PHE A 356 20.86 -25.32 9.43
CA PHE A 356 19.96 -24.21 9.05
C PHE A 356 19.20 -24.44 7.73
N ASN A 357 19.87 -25.03 6.74
CA ASN A 357 19.22 -25.31 5.46
C ASN A 357 18.36 -26.57 5.43
N ASP A 358 18.36 -27.31 6.54
CA ASP A 358 17.48 -28.45 6.69
C ASP A 358 16.09 -27.94 7.01
N VAL A 359 15.17 -28.09 6.05
CA VAL A 359 13.78 -27.67 6.20
C VAL A 359 13.20 -28.09 7.55
N ARG A 360 13.48 -29.33 7.92
CA ARG A 360 12.98 -29.91 9.15
C ARG A 360 13.38 -29.13 10.39
N PHE A 361 14.56 -28.53 10.37
CA PHE A 361 15.01 -27.68 11.47
C PHE A 361 14.11 -26.47 11.60
N ARG A 362 13.73 -25.89 10.46
CA ARG A 362 12.85 -24.71 10.45
C ARG A 362 11.43 -25.09 10.86
N GLN A 363 10.88 -26.13 10.23
CA GLN A 363 9.59 -26.70 10.63
C GLN A 363 9.54 -26.87 12.14
N ALA A 364 10.59 -27.49 12.68
CA ALA A 364 10.73 -27.70 14.12
C ALA A 364 10.73 -26.37 14.89
N LEU A 365 11.51 -25.41 14.40
CA LEU A 365 11.66 -24.13 15.09
C LEU A 365 10.33 -23.38 15.21
N SER A 366 9.48 -23.44 14.17
CA SER A 366 8.16 -22.77 14.21
C SER A 366 7.19 -23.50 15.14
N LEU A 367 7.12 -24.83 15.01
CA LEU A 367 6.21 -25.64 15.83
C LEU A 367 6.44 -25.48 17.33
N ALA A 368 7.67 -25.14 17.71
CA ALA A 368 8.00 -24.87 19.11
C ALA A 368 7.51 -23.52 19.60
N ILE A 369 6.95 -22.70 18.71
CA ILE A 369 6.52 -21.36 19.09
C ILE A 369 5.05 -21.36 19.51
N ASN A 370 4.80 -20.81 20.70
CA ASN A 370 3.46 -20.57 21.21
C ASN A 370 3.00 -19.17 20.80
N ARG A 371 2.48 -19.04 19.57
CA ARG A 371 2.06 -17.74 19.05
C ARG A 371 0.92 -17.14 19.88
N GLU A 372 -0.08 -17.98 20.14
CA GLU A 372 -1.22 -17.62 20.98
C GLU A 372 -0.76 -16.92 22.27
N GLU A 373 0.26 -17.47 22.91
CA GLU A 373 0.79 -16.90 24.16
C GLU A 373 1.38 -15.51 23.92
N ILE A 374 2.29 -15.42 22.95
CA ILE A 374 2.92 -14.13 22.58
C ILE A 374 1.86 -13.06 22.35
N ASN A 375 0.83 -13.45 21.60
CA ASN A 375 -0.38 -12.64 21.39
C ASN A 375 -0.84 -12.06 22.73
N GLU A 376 -1.19 -12.93 23.67
CA GLU A 376 -1.81 -12.52 24.93
C GLU A 376 -1.02 -11.48 25.72
N ILE A 377 0.29 -11.70 25.89
CA ILE A 377 1.06 -10.88 26.84
C ILE A 377 1.57 -9.60 26.22
N LEU A 378 2.24 -9.71 25.08
CA LEU A 378 2.92 -8.56 24.46
C LEU A 378 1.96 -7.69 23.67
N PHE A 379 1.03 -8.34 23.00
CA PHE A 379 0.08 -7.69 22.13
C PHE A 379 -1.28 -7.36 22.76
N ASN A 380 -1.59 -7.98 23.90
CA ASN A 380 -2.73 -7.56 24.74
C ASN A 380 -4.19 -7.73 24.23
N GLY A 381 -4.58 -8.83 23.57
CA GLY A 381 -3.73 -9.88 23.05
C GLY A 381 -3.57 -9.73 21.55
N LEU A 382 -4.50 -9.02 20.90
CA LEU A 382 -4.33 -8.47 19.53
C LEU A 382 -3.03 -8.85 18.79
N ALA A 383 -3.08 -9.36 17.56
CA ALA A 383 -4.28 -9.51 16.79
C ALA A 383 -4.46 -10.96 16.39
N GLU A 384 -3.47 -11.53 15.69
CA GLU A 384 -3.67 -12.85 15.04
C GLU A 384 -2.49 -13.82 14.93
N PRO A 385 -2.46 -14.87 15.79
CA PRO A 385 -1.42 -15.90 15.71
C PRO A 385 -1.38 -16.57 14.32
N ARG A 386 -0.26 -16.42 13.63
CA ARG A 386 -0.06 -16.92 12.26
C ARG A 386 1.43 -16.93 11.94
N GLN A 387 1.77 -17.53 10.81
CA GLN A 387 3.14 -17.50 10.33
C GLN A 387 3.20 -17.88 8.87
N ALA A 388 3.78 -17.04 8.01
CA ALA A 388 4.17 -15.66 8.28
C ALA A 388 4.26 -15.08 6.91
N SER A 389 3.10 -14.66 6.40
CA SER A 389 2.86 -14.62 4.98
C SER A 389 1.76 -13.61 4.64
N LEU A 390 1.31 -13.63 3.40
CA LEU A 390 0.33 -12.66 2.91
C LEU A 390 -0.92 -12.71 3.79
N VAL A 391 -1.32 -11.53 4.27
CA VAL A 391 -2.42 -11.39 5.23
C VAL A 391 -3.77 -11.69 4.59
N SER A 392 -4.75 -12.04 5.42
CA SER A 392 -6.13 -12.26 4.96
C SER A 392 -6.72 -10.97 4.38
N GLY A 393 -7.43 -11.12 3.27
CA GLY A 393 -8.04 -10.01 2.56
C GLY A 393 -7.11 -9.38 1.54
N SER A 394 -6.34 -10.22 0.85
CA SER A 394 -5.37 -9.75 -0.13
C SER A 394 -5.39 -10.66 -1.34
N PRO A 395 -5.19 -10.10 -2.54
CA PRO A 395 -5.46 -10.82 -3.78
C PRO A 395 -4.90 -12.24 -3.82
N TYR A 396 -3.64 -12.38 -3.44
CA TYR A 396 -2.91 -13.64 -3.59
C TYR A 396 -2.82 -14.43 -2.29
N PHE A 397 -3.63 -14.04 -1.30
CA PHE A 397 -3.66 -14.69 0.02
C PHE A 397 -3.52 -16.20 -0.05
N ASP A 398 -2.69 -16.75 0.85
CA ASP A 398 -2.46 -18.19 0.90
C ASP A 398 -2.89 -18.74 2.26
N PRO A 399 -3.99 -19.52 2.28
CA PRO A 399 -4.52 -20.06 3.53
C PRO A 399 -3.65 -21.19 4.09
N GLU A 400 -3.15 -22.04 3.20
CA GLU A 400 -2.25 -23.13 3.57
C GLU A 400 -1.01 -22.52 4.22
N TRP A 401 -0.34 -21.64 3.48
CA TRP A 401 0.89 -20.98 3.92
C TRP A 401 0.68 -20.10 5.17
N GLU A 402 -0.52 -19.60 5.39
CA GLU A 402 -0.80 -18.91 6.64
C GLU A 402 -0.64 -19.87 7.82
N LYS A 403 -0.93 -21.15 7.59
CA LYS A 403 -0.88 -22.15 8.67
C LYS A 403 0.41 -22.94 8.73
N ALA A 404 1.03 -23.19 7.57
CA ALA A 404 2.42 -23.63 7.53
C ALA A 404 2.66 -24.70 8.59
N TYR A 405 3.55 -24.39 9.54
CA TYR A 405 3.70 -25.14 10.76
C TYR A 405 3.47 -24.12 11.86
N ALA A 406 2.25 -23.59 11.87
CA ALA A 406 1.86 -22.53 12.78
C ALA A 406 1.42 -23.03 14.16
N GLU A 407 1.20 -24.34 14.30
CA GLU A 407 0.70 -24.91 15.57
C GLU A 407 1.74 -24.81 16.67
N TYR A 408 1.26 -24.74 17.91
CA TYR A 408 2.12 -24.84 19.09
C TYR A 408 2.27 -26.30 19.48
N ASP A 409 3.14 -27.02 18.78
CA ASP A 409 3.33 -28.47 18.95
C ASP A 409 4.78 -28.83 19.33
N PRO A 410 5.21 -28.53 20.58
CA PRO A 410 6.56 -28.87 21.05
C PRO A 410 6.99 -30.33 20.83
N ASP A 411 6.17 -31.28 21.30
CA ASP A 411 6.44 -32.72 21.16
C ASP A 411 6.73 -33.09 19.69
N ARG A 412 6.05 -32.44 18.77
CA ARG A 412 6.24 -32.68 17.34
C ARG A 412 7.57 -32.13 16.83
N ALA A 413 7.96 -30.97 17.34
CA ALA A 413 9.23 -30.35 16.95
C ALA A 413 10.39 -31.17 17.52
N ASN A 414 10.40 -31.33 18.84
CA ASN A 414 11.38 -32.17 19.52
C ASN A 414 11.64 -33.45 18.76
N LYS A 415 10.58 -34.07 18.29
CA LYS A 415 10.68 -35.27 17.47
C LYS A 415 11.41 -34.97 16.16
N LEU A 416 11.01 -33.90 15.48
CA LEU A 416 11.63 -33.52 14.20
C LEU A 416 13.14 -33.28 14.28
N LEU A 417 13.61 -32.80 15.43
CA LEU A 417 15.04 -32.64 15.67
C LEU A 417 15.70 -34.02 15.83
N ASP A 418 15.05 -34.89 16.60
CA ASP A 418 15.52 -36.26 16.76
C ASP A 418 15.69 -36.94 15.40
N GLU A 419 14.75 -36.68 14.48
CA GLU A 419 14.87 -37.20 13.12
C GLU A 419 16.15 -36.75 12.42
N MET A 420 16.61 -35.54 12.71
CA MET A 420 17.82 -34.98 12.08
C MET A 420 19.12 -35.62 12.61
N GLY A 421 19.10 -36.07 13.85
CA GLY A 421 20.27 -36.63 14.50
C GLY A 421 20.89 -35.68 15.49
N LEU A 422 20.18 -34.60 15.81
CA LEU A 422 20.64 -33.67 16.82
C LEU A 422 20.37 -34.29 18.19
N LYS A 423 21.38 -34.98 18.70
CA LYS A 423 21.26 -35.73 19.94
C LYS A 423 21.27 -34.80 21.15
N TRP A 424 20.44 -35.10 22.14
CA TRP A 424 20.46 -34.35 23.40
C TRP A 424 21.80 -34.56 24.09
N ASP A 425 22.20 -33.58 24.90
CA ASP A 425 23.44 -33.70 25.66
C ASP A 425 23.22 -34.62 26.85
N ASP A 426 24.24 -34.80 27.69
CA ASP A 426 24.15 -35.69 28.84
C ASP A 426 23.18 -35.19 29.92
N LYS A 427 23.11 -33.88 30.13
CA LYS A 427 22.17 -33.31 31.09
C LYS A 427 20.77 -33.06 30.50
N HIS A 428 20.53 -33.56 29.28
CA HIS A 428 19.26 -33.36 28.56
C HIS A 428 18.74 -31.92 28.69
N GLU A 429 19.66 -30.96 28.54
CA GLU A 429 19.34 -29.54 28.70
C GLU A 429 19.24 -28.85 27.34
N TYR A 430 20.27 -29.03 26.53
CA TYR A 430 20.25 -28.63 25.12
C TYR A 430 20.80 -29.79 24.32
N ARG A 431 20.58 -29.77 23.02
CA ARG A 431 21.15 -30.81 22.15
C ARG A 431 22.46 -30.33 21.52
N LEU A 432 23.01 -31.12 20.59
CA LEU A 432 24.38 -30.92 20.11
C LEU A 432 24.49 -31.03 18.60
N LEU A 433 25.45 -30.31 18.04
CA LEU A 433 25.74 -30.36 16.61
C LEU A 433 26.56 -31.62 16.30
N PRO A 434 26.66 -32.02 15.02
CA PRO A 434 27.48 -33.16 14.62
C PRO A 434 28.94 -33.15 15.10
N ASP A 435 29.47 -31.98 15.50
CA ASP A 435 30.83 -31.91 16.02
C ASP A 435 30.87 -31.83 17.56
N GLY A 436 29.75 -32.11 18.21
CA GLY A 436 29.70 -32.09 19.66
C GLY A 436 29.55 -30.72 20.28
N ARG A 437 29.47 -29.67 19.47
CA ARG A 437 29.23 -28.33 20.00
C ARG A 437 27.81 -28.24 20.52
N PRO A 438 27.60 -27.47 21.60
CA PRO A 438 26.24 -27.23 22.05
C PRO A 438 25.46 -26.53 20.94
N LEU A 439 24.26 -27.01 20.65
CA LEU A 439 23.44 -26.40 19.62
C LEU A 439 22.97 -25.02 20.10
N ARG A 440 23.64 -23.99 19.59
CA ARG A 440 23.47 -22.64 20.07
C ARG A 440 23.69 -21.65 18.93
N PHE A 441 22.92 -20.57 18.96
CA PHE A 441 23.16 -19.43 18.07
C PHE A 441 22.53 -18.19 18.65
N THR A 442 22.91 -17.04 18.09
CA THR A 442 22.44 -15.75 18.58
C THR A 442 21.40 -15.17 17.63
N ILE A 443 20.29 -14.72 18.20
CA ILE A 443 19.25 -14.01 17.46
C ILE A 443 19.59 -12.53 17.52
N THR A 444 19.75 -11.93 16.34
CA THR A 444 20.06 -10.53 16.22
C THR A 444 18.79 -9.75 15.94
N VAL A 445 18.53 -8.75 16.77
CA VAL A 445 17.39 -7.86 16.57
C VAL A 445 17.83 -6.41 16.70
N THR A 446 16.92 -5.51 16.35
CA THR A 446 17.07 -4.09 16.67
C THR A 446 15.72 -3.55 17.14
N GLY A 447 15.70 -3.00 18.34
CA GLY A 447 14.48 -2.46 18.94
C GLY A 447 13.97 -3.27 20.11
N GLN A 448 13.72 -2.59 21.23
CA GLN A 448 13.24 -3.22 22.45
C GLN A 448 12.01 -4.11 22.24
N PHE A 449 11.16 -3.74 21.29
CA PHE A 449 9.97 -4.52 21.00
C PHE A 449 10.36 -5.93 20.60
N HIS A 450 11.26 -6.05 19.63
CA HIS A 450 11.65 -7.36 19.10
C HIS A 450 12.40 -8.22 20.13
N VAL A 451 13.19 -7.56 20.98
CA VAL A 451 13.84 -8.24 22.10
C VAL A 451 12.79 -9.02 22.89
N ASP A 452 11.76 -8.32 23.34
CA ASP A 452 10.68 -8.91 24.14
C ASP A 452 10.07 -10.13 23.47
N VAL A 453 9.81 -10.01 22.17
CA VAL A 453 9.19 -11.08 21.41
C VAL A 453 10.03 -12.35 21.50
N TRP A 454 11.29 -12.23 21.12
CA TRP A 454 12.16 -13.40 20.97
C TRP A 454 12.80 -13.84 22.28
N THR A 455 12.87 -12.93 23.26
CA THR A 455 13.18 -13.29 24.63
C THR A 455 12.21 -14.38 25.14
N MET A 456 10.96 -14.29 24.74
CA MET A 456 9.98 -15.31 25.11
C MET A 456 10.21 -16.58 24.33
N VAL A 457 10.65 -16.45 23.08
CA VAL A 457 10.96 -17.61 22.22
C VAL A 457 12.21 -18.37 22.71
N LYS A 458 13.07 -17.65 23.43
CA LYS A 458 14.19 -18.26 24.16
C LYS A 458 13.68 -19.46 24.97
N GLU A 459 12.65 -19.23 25.77
CA GLU A 459 12.02 -20.30 26.55
C GLU A 459 11.44 -21.41 25.68
N TYR A 460 10.68 -21.04 24.65
CA TYR A 460 9.95 -22.04 23.87
C TYR A 460 10.93 -22.96 23.14
N TRP A 461 12.06 -22.42 22.73
CA TRP A 461 13.08 -23.17 22.00
C TRP A 461 14.01 -23.97 22.93
N LYS A 462 14.14 -23.54 24.18
CA LYS A 462 14.81 -24.33 25.21
C LYS A 462 14.11 -25.68 25.41
N GLN A 463 12.78 -25.68 25.35
CA GLN A 463 11.99 -26.90 25.45
C GLN A 463 12.25 -27.91 24.33
N ILE A 464 12.86 -27.47 23.24
CA ILE A 464 13.33 -28.41 22.19
C ILE A 464 14.85 -28.55 22.17
N GLY A 465 15.50 -27.99 23.20
CA GLY A 465 16.95 -28.09 23.34
C GLY A 465 17.76 -27.15 22.47
N VAL A 466 17.11 -26.15 21.88
CA VAL A 466 17.80 -25.19 21.04
C VAL A 466 18.14 -23.96 21.87
N TRP A 467 19.44 -23.71 22.00
CA TRP A 467 19.95 -22.62 22.85
C TRP A 467 20.05 -21.35 22.04
N VAL A 468 19.38 -20.28 22.48
CA VAL A 468 19.55 -18.98 21.85
C VAL A 468 19.78 -17.89 22.87
N GLU A 469 20.50 -16.85 22.44
CA GLU A 469 20.61 -15.59 23.17
C GLU A 469 20.14 -14.48 22.23
N ILE A 470 19.89 -13.32 22.82
CA ILE A 470 19.30 -12.20 22.10
C ILE A 470 20.23 -11.01 22.17
N GLU A 471 20.74 -10.55 21.02
CA GLU A 471 21.51 -9.31 20.98
C GLU A 471 20.68 -8.23 20.31
N ASN A 472 20.59 -7.09 20.98
CA ASN A 472 19.87 -5.94 20.47
C ASN A 472 20.88 -4.92 19.99
N LEU A 473 20.96 -4.74 18.68
CA LEU A 473 21.94 -3.83 18.09
C LEU A 473 21.29 -2.53 17.68
N GLU A 474 22.08 -1.47 17.72
CA GLU A 474 21.69 -0.19 17.17
C GLU A 474 21.45 -0.32 15.64
N ARG A 475 20.44 0.39 15.14
CA ARG A 475 19.96 0.29 13.75
C ARG A 475 21.05 0.09 12.68
N SER A 476 22.02 1.01 12.63
CA SER A 476 23.03 0.98 11.57
C SER A 476 24.04 -0.16 11.72
N LEU A 477 24.31 -0.58 12.95
CA LEU A 477 25.20 -1.72 13.17
C LEU A 477 24.50 -3.01 12.75
N PHE A 478 23.23 -3.12 13.11
CA PHE A 478 22.34 -4.18 12.67
C PHE A 478 22.42 -4.38 11.15
N TYR A 479 22.36 -3.27 10.41
CA TYR A 479 22.37 -3.31 8.95
C TYR A 479 23.74 -3.64 8.37
N GLU A 480 24.80 -3.16 9.05
CA GLU A 480 26.18 -3.43 8.62
C GLU A 480 26.57 -4.90 8.87
N ARG A 481 26.13 -5.44 9.99
CA ARG A 481 26.24 -6.87 10.24
C ARG A 481 25.52 -7.70 9.17
N ALA A 482 24.33 -7.25 8.78
CA ALA A 482 23.51 -7.96 7.79
C ALA A 482 24.17 -8.04 6.43
N ASP A 483 24.63 -6.91 5.93
CA ASP A 483 25.30 -6.87 4.64
C ASP A 483 26.66 -7.62 4.63
N ALA A 484 27.24 -7.84 5.80
CA ALA A 484 28.50 -8.57 5.88
C ALA A 484 28.32 -10.07 6.04
N GLY A 485 27.10 -10.52 6.31
CA GLY A 485 26.81 -11.93 6.55
C GLY A 485 27.22 -12.36 7.94
N ASP A 486 27.40 -11.37 8.83
CA ASP A 486 27.93 -11.62 10.18
C ASP A 486 26.77 -11.74 11.15
N PHE A 487 26.06 -12.86 11.02
CA PHE A 487 24.95 -13.16 11.90
C PHE A 487 24.54 -14.62 11.76
N ASP A 488 23.87 -15.13 12.80
CA ASP A 488 23.24 -16.43 12.78
C ASP A 488 21.79 -16.29 12.33
N ALA A 489 21.08 -15.34 12.93
CA ALA A 489 19.68 -15.10 12.62
C ALA A 489 19.28 -13.63 12.82
N MET A 490 18.46 -13.14 11.88
CA MET A 490 17.97 -11.76 11.87
C MET A 490 16.45 -11.74 11.98
N VAL A 491 15.93 -10.92 12.89
CA VAL A 491 14.47 -10.70 12.94
C VAL A 491 14.11 -9.34 12.34
N TRP A 492 12.97 -9.33 11.67
CA TRP A 492 12.39 -8.12 11.11
C TRP A 492 10.90 -8.34 10.98
N ASN A 493 10.14 -7.25 10.90
CA ASN A 493 8.71 -7.36 10.63
C ASN A 493 8.50 -7.85 9.22
N MET A 494 7.25 -8.00 8.82
CA MET A 494 6.94 -8.35 7.44
C MET A 494 5.73 -7.56 6.97
N ASP A 495 5.91 -6.26 6.81
CA ASP A 495 4.85 -5.39 6.29
C ASP A 495 4.70 -5.56 4.78
N ARG A 496 3.78 -4.81 4.18
CA ARG A 496 3.52 -4.87 2.75
C ARG A 496 3.25 -6.30 2.30
N ALA A 497 2.34 -6.95 3.02
CA ALA A 497 1.96 -8.34 2.73
C ALA A 497 0.51 -8.45 2.24
N ALA A 498 0.04 -7.41 1.53
CA ALA A 498 -1.24 -7.47 0.83
C ALA A 498 -0.97 -7.44 -0.66
N GLN A 499 -0.34 -6.37 -1.13
CA GLN A 499 0.07 -6.25 -2.52
C GLN A 499 1.59 -6.24 -2.57
N PRO A 500 2.21 -7.43 -2.62
CA PRO A 500 3.66 -7.54 -2.59
C PRO A 500 4.35 -6.97 -3.80
N LEU A 501 3.70 -7.03 -4.96
CA LEU A 501 4.34 -6.73 -6.25
C LEU A 501 4.83 -5.28 -6.44
N SER A 502 4.36 -4.36 -5.61
CA SER A 502 4.91 -3.00 -5.57
C SER A 502 6.18 -2.92 -4.72
N SER A 503 6.40 -3.94 -3.89
CA SER A 503 7.60 -4.08 -3.05
C SER A 503 7.96 -5.56 -2.95
N PRO A 504 8.34 -6.17 -4.06
CA PRO A 504 8.42 -7.63 -4.16
C PRO A 504 9.64 -8.30 -3.53
N MET A 505 10.52 -7.55 -2.86
CA MET A 505 11.79 -8.11 -2.42
C MET A 505 11.63 -9.25 -1.42
N VAL A 506 10.61 -9.21 -0.58
CA VAL A 506 10.45 -10.20 0.49
C VAL A 506 9.99 -11.55 -0.04
N ILE A 507 9.17 -11.54 -1.08
CA ILE A 507 8.69 -12.79 -1.66
C ILE A 507 9.68 -13.29 -2.70
N PHE A 508 10.17 -12.37 -3.54
CA PHE A 508 10.99 -12.74 -4.69
C PHE A 508 12.44 -12.27 -4.56
N PRO A 509 13.38 -13.23 -4.46
CA PRO A 509 14.79 -12.87 -4.51
C PRO A 509 15.15 -12.14 -5.80
N GLY A 510 15.95 -11.09 -5.68
CA GLY A 510 16.44 -10.33 -6.83
C GLY A 510 15.38 -9.59 -7.61
N SER A 511 14.24 -9.29 -6.97
CA SER A 511 13.20 -8.48 -7.60
C SER A 511 13.47 -6.99 -7.40
N GLU A 512 14.37 -6.67 -6.47
CA GLU A 512 14.73 -5.27 -6.18
C GLU A 512 16.25 -5.16 -5.98
N ASN A 513 16.75 -3.94 -6.04
CA ASN A 513 18.20 -3.70 -5.88
C ASN A 513 18.72 -3.86 -4.44
N ILE A 514 17.80 -4.10 -3.49
CA ILE A 514 18.18 -4.51 -2.14
C ILE A 514 17.48 -5.81 -1.78
N ALA A 515 18.18 -6.65 -1.03
CA ALA A 515 17.69 -7.98 -0.66
C ALA A 515 17.07 -7.96 0.71
N ASP A 516 16.13 -8.87 0.94
CA ASP A 516 15.64 -9.14 2.27
C ASP A 516 16.64 -10.00 2.99
N PHE A 517 16.58 -9.98 4.31
CA PHE A 517 17.51 -10.73 5.13
C PHE A 517 17.57 -12.22 4.81
N TRP A 518 16.44 -12.82 4.47
CA TRP A 518 16.39 -14.29 4.36
C TRP A 518 17.24 -14.84 3.21
N TYR A 519 17.44 -14.07 2.15
CA TYR A 519 18.29 -14.52 1.05
C TYR A 519 19.50 -13.62 0.82
N ILE A 520 19.84 -12.79 1.78
CA ILE A 520 20.84 -11.75 1.55
C ILE A 520 22.22 -12.34 1.22
N GLY A 521 22.61 -13.38 1.94
CA GLY A 521 23.84 -14.11 1.64
C GLY A 521 23.90 -14.71 0.24
N TRP A 522 22.76 -15.05 -0.35
CA TRP A 522 22.71 -15.58 -1.72
C TRP A 522 22.68 -14.51 -2.81
N SER A 523 22.73 -13.23 -2.44
CA SER A 523 22.67 -12.11 -3.40
C SER A 523 23.71 -12.20 -4.52
N GLY A 524 24.87 -12.78 -4.22
CA GLY A 524 25.90 -12.98 -5.24
C GLY A 524 25.40 -13.87 -6.36
N TRP A 525 24.98 -15.07 -5.98
CA TRP A 525 24.49 -16.07 -6.92
C TRP A 525 23.18 -15.67 -7.60
N ILE A 526 22.27 -15.09 -6.85
CA ILE A 526 20.99 -14.61 -7.39
C ILE A 526 21.23 -13.59 -8.50
N SER A 527 22.19 -12.71 -8.29
CA SER A 527 22.54 -11.70 -9.28
C SER A 527 23.24 -12.34 -10.49
N TYR A 528 24.09 -13.33 -10.21
CA TYR A 528 24.75 -14.12 -11.25
C TYR A 528 23.72 -14.89 -12.11
N TYR A 529 22.68 -15.41 -11.46
CA TYR A 529 21.64 -16.19 -12.14
C TYR A 529 20.81 -15.33 -13.07
N ILE A 530 20.27 -14.24 -12.54
CA ILE A 530 19.44 -13.33 -13.32
C ILE A 530 20.22 -12.85 -14.53
N ASP A 531 21.46 -12.41 -14.28
CA ASP A 531 22.33 -11.92 -15.35
C ASP A 531 22.55 -12.96 -16.45
N LYS A 532 22.78 -14.21 -16.05
CA LYS A 532 23.04 -15.28 -17.01
C LYS A 532 21.78 -15.64 -17.80
N ASN A 533 20.75 -16.12 -17.11
CA ASN A 533 19.58 -16.70 -17.76
C ASN A 533 18.60 -15.66 -18.29
N ILE A 534 18.17 -14.75 -17.44
CA ILE A 534 17.07 -13.85 -17.78
C ILE A 534 17.47 -12.78 -18.81
N ARG A 535 18.65 -12.19 -18.65
CA ARG A 535 19.03 -11.04 -19.49
C ARG A 535 19.00 -11.31 -21.01
N GLY A 536 19.72 -12.31 -21.53
CA GLY A 536 20.60 -13.21 -20.79
C GLY A 536 22.07 -13.02 -21.12
N VAL A 537 22.50 -11.77 -21.29
CA VAL A 537 23.92 -11.46 -21.47
C VAL A 537 24.63 -11.59 -20.12
N GLU A 538 25.52 -12.57 -20.01
CA GLU A 538 26.05 -13.01 -18.71
C GLU A 538 27.35 -12.30 -18.31
N PRO A 539 27.77 -12.46 -17.03
CA PRO A 539 29.09 -12.00 -16.62
C PRO A 539 30.11 -13.12 -16.83
N GLU A 540 31.37 -12.73 -17.04
CA GLU A 540 32.46 -13.71 -17.22
C GLU A 540 32.96 -14.27 -15.86
N GLU A 541 32.70 -13.55 -14.77
CA GLU A 541 33.17 -13.92 -13.44
C GLU A 541 32.10 -14.61 -12.59
N VAL A 542 32.45 -15.75 -12.00
CA VAL A 542 31.57 -16.51 -11.10
C VAL A 542 31.86 -16.08 -9.65
N PRO A 543 30.80 -15.90 -8.82
CA PRO A 543 31.03 -15.55 -7.42
C PRO A 543 31.17 -16.78 -6.52
N GLU A 544 31.95 -16.64 -5.45
CA GLU A 544 32.14 -17.70 -4.46
C GLU A 544 30.98 -17.71 -3.45
N GLY A 545 31.09 -18.57 -2.45
CA GLY A 545 30.08 -18.66 -1.40
C GLY A 545 29.09 -19.76 -1.67
N PRO A 546 28.27 -20.12 -0.67
CA PRO A 546 27.30 -21.19 -0.89
C PRO A 546 26.28 -20.79 -1.94
N GLU A 547 25.96 -21.72 -2.84
CA GLU A 547 24.91 -21.53 -3.82
C GLU A 547 23.56 -21.79 -3.13
N PRO A 548 22.50 -21.06 -3.54
CA PRO A 548 21.17 -21.30 -2.97
C PRO A 548 20.53 -22.59 -3.47
N PRO A 549 19.56 -23.14 -2.73
CA PRO A 549 18.68 -24.20 -3.22
C PRO A 549 18.07 -23.87 -4.59
N GLU A 550 17.70 -24.89 -5.34
CA GLU A 550 17.14 -24.71 -6.69
C GLU A 550 15.76 -24.04 -6.64
N VAL A 551 15.04 -24.28 -5.55
CA VAL A 551 13.72 -23.71 -5.34
C VAL A 551 13.77 -22.17 -5.22
N VAL A 552 14.92 -21.64 -4.79
CA VAL A 552 15.14 -20.18 -4.77
C VAL A 552 15.28 -19.64 -6.19
N TYR A 553 16.10 -20.29 -7.02
CA TYR A 553 16.24 -19.89 -8.42
C TYR A 553 14.89 -19.90 -9.14
N ARG A 554 13.97 -20.72 -8.64
CA ARG A 554 12.63 -20.84 -9.20
C ARG A 554 11.78 -19.60 -8.90
N LEU A 555 11.82 -19.15 -7.65
CA LEU A 555 11.13 -17.92 -7.24
C LEU A 555 11.53 -16.72 -8.09
N VAL A 556 12.78 -16.68 -8.54
CA VAL A 556 13.23 -15.63 -9.44
C VAL A 556 12.47 -15.73 -10.75
N ASP A 557 12.46 -16.93 -11.33
CA ASP A 557 11.78 -17.19 -12.59
C ASP A 557 10.31 -16.76 -12.54
N LEU A 558 9.66 -17.10 -11.45
CA LEU A 558 8.28 -16.69 -11.21
C LEU A 558 8.13 -15.18 -11.27
N TYR A 559 8.99 -14.46 -10.56
CA TYR A 559 8.88 -13.00 -10.54
C TYR A 559 9.00 -12.40 -11.94
N TYR A 560 9.99 -12.85 -12.70
CA TYR A 560 10.23 -12.27 -14.02
C TYR A 560 9.17 -12.66 -15.04
N GLN A 561 8.44 -13.74 -14.76
CA GLN A 561 7.22 -14.05 -15.49
C GLN A 561 6.14 -13.05 -15.12
N ILE A 562 5.93 -12.88 -13.82
CA ILE A 562 4.92 -11.96 -13.32
C ILE A 562 5.15 -10.55 -13.86
N ALA A 563 6.42 -10.15 -13.93
CA ALA A 563 6.79 -8.82 -14.41
C ALA A 563 6.43 -8.58 -15.88
N SER A 564 6.37 -9.65 -16.67
CA SER A 564 6.15 -9.56 -18.10
C SER A 564 4.70 -9.80 -18.55
N THR A 565 3.92 -10.48 -17.71
CA THR A 565 2.53 -10.82 -18.07
C THR A 565 1.52 -9.82 -17.45
N PRO A 566 0.56 -9.32 -18.26
CA PRO A 566 -0.41 -8.30 -17.78
C PRO A 566 -1.72 -8.84 -17.16
N ASP A 567 -2.29 -9.90 -17.72
CA ASP A 567 -3.62 -10.37 -17.27
C ASP A 567 -3.59 -10.95 -15.85
N PRO A 568 -4.42 -10.41 -14.94
CA PRO A 568 -4.29 -10.77 -13.52
C PRO A 568 -4.74 -12.19 -13.16
N ASP A 569 -5.31 -12.91 -14.12
CA ASP A 569 -5.55 -14.35 -13.95
C ASP A 569 -4.21 -15.07 -13.79
N LYS A 570 -3.32 -14.84 -14.74
CA LYS A 570 -2.01 -15.49 -14.77
C LYS A 570 -1.18 -15.07 -13.55
N ILE A 571 -1.27 -13.79 -13.17
CA ILE A 571 -0.57 -13.30 -12.00
C ILE A 571 -0.98 -14.13 -10.77
N LYS A 572 -2.29 -14.23 -10.53
CA LYS A 572 -2.82 -14.94 -9.36
C LYS A 572 -2.38 -16.39 -9.32
N GLU A 573 -2.30 -17.01 -10.49
CA GLU A 573 -1.81 -18.38 -10.62
C GLU A 573 -0.30 -18.46 -10.37
N LEU A 574 0.45 -17.46 -10.84
CA LEU A 574 1.90 -17.40 -10.63
C LEU A 574 2.27 -17.09 -9.17
N MET A 575 1.50 -16.22 -8.53
CA MET A 575 1.69 -15.93 -7.12
C MET A 575 1.36 -17.13 -6.25
N ALA A 576 0.41 -17.95 -6.71
CA ALA A 576 0.07 -19.20 -6.04
C ALA A 576 1.31 -20.09 -5.90
N GLU A 577 2.06 -20.22 -6.99
CA GLU A 577 3.28 -21.04 -7.02
C GLU A 577 4.34 -20.51 -6.06
N ALA A 578 4.53 -19.19 -6.08
CA ALA A 578 5.49 -18.54 -5.20
C ALA A 578 5.17 -18.83 -3.74
N THR A 579 3.91 -18.67 -3.37
CA THR A 579 3.47 -18.90 -2.00
C THR A 579 3.51 -20.39 -1.66
N LYS A 580 3.40 -21.25 -2.66
CA LYS A 580 3.59 -22.68 -2.49
C LYS A 580 5.03 -22.92 -2.07
N ILE A 581 5.96 -22.44 -2.88
CA ILE A 581 7.38 -22.55 -2.58
C ILE A 581 7.70 -22.08 -1.15
N HIS A 582 7.30 -20.86 -0.81
CA HIS A 582 7.49 -20.34 0.54
C HIS A 582 6.80 -21.18 1.63
N ARG A 583 5.87 -22.04 1.20
CA ARG A 583 5.12 -22.90 2.12
C ARG A 583 5.93 -24.14 2.43
N GLU A 584 6.46 -24.76 1.39
CA GLU A 584 7.25 -25.97 1.49
C GLU A 584 8.62 -25.73 2.16
N ASN A 585 9.22 -24.58 1.87
CA ASN A 585 10.41 -24.11 2.58
C ASN A 585 9.97 -22.99 3.52
N LEU A 586 10.47 -22.96 4.74
CA LEU A 586 10.03 -21.94 5.69
C LEU A 586 11.16 -20.98 6.04
N TRP A 587 11.67 -20.29 5.04
CA TRP A 587 12.80 -19.37 5.20
C TRP A 587 12.52 -18.23 6.16
N MET A 588 11.27 -17.78 6.20
CA MET A 588 10.83 -16.82 7.21
C MET A 588 9.93 -17.52 8.21
N ILE A 589 10.26 -17.37 9.49
CA ILE A 589 9.45 -17.93 10.56
C ILE A 589 8.93 -16.76 11.40
N GLY A 590 7.66 -16.42 11.17
CA GLY A 590 7.02 -15.34 11.90
C GLY A 590 6.14 -15.78 13.05
N THR A 591 5.76 -14.81 13.87
CA THR A 591 4.80 -15.01 14.93
C THR A 591 3.63 -14.08 14.74
N VAL A 592 2.42 -14.61 14.85
CA VAL A 592 1.23 -13.81 14.67
C VAL A 592 1.28 -13.05 13.32
N GLY A 593 0.55 -11.93 13.25
CA GLY A 593 0.46 -11.09 12.07
C GLY A 593 -0.73 -10.18 12.24
N GLU A 594 -0.97 -9.33 11.24
CA GLU A 594 -2.22 -8.57 11.13
C GLU A 594 -2.57 -7.69 12.34
N ASP A 595 -1.64 -6.84 12.75
CA ASP A 595 -1.93 -5.87 13.81
C ASP A 595 -3.26 -5.18 13.54
N LEU A 596 -3.97 -4.81 14.60
CA LEU A 596 -5.17 -4.02 14.44
C LEU A 596 -4.71 -2.61 14.11
N SER A 597 -5.35 -2.00 13.11
CA SER A 597 -5.08 -0.62 12.71
C SER A 597 -6.44 0.08 12.62
N PRO A 598 -7.02 0.41 13.78
CA PRO A 598 -8.43 0.76 13.83
C PRO A 598 -8.75 2.17 13.38
N ALA A 599 -10.00 2.36 12.99
CA ALA A 599 -10.52 3.66 12.63
C ALA A 599 -11.77 3.86 13.44
N ILE A 600 -12.28 5.08 13.43
CA ILE A 600 -13.56 5.34 14.04
C ILE A 600 -14.45 6.08 13.06
N ALA A 601 -15.75 5.87 13.24
CA ALA A 601 -16.76 6.57 12.48
C ALA A 601 -17.93 6.82 13.40
N LYS A 602 -18.41 8.04 13.44
CA LYS A 602 -19.63 8.34 14.16
C LYS A 602 -20.75 7.43 13.68
N ASN A 603 -21.71 7.18 14.55
CA ASN A 603 -22.83 6.30 14.23
C ASN A 603 -23.70 6.81 13.08
N ASN A 604 -23.64 8.12 12.81
CA ASN A 604 -24.41 8.70 11.71
C ASN A 604 -23.54 8.96 10.47
N PHE A 605 -22.31 8.43 10.50
CA PHE A 605 -21.38 8.54 9.40
C PHE A 605 -21.28 7.18 8.72
N ARG A 606 -21.74 7.12 7.47
CA ARG A 606 -22.10 5.86 6.85
C ARG A 606 -21.32 5.57 5.59
N ASN A 607 -21.56 4.38 5.03
CA ASN A 607 -20.85 3.85 3.85
C ASN A 607 -19.36 3.64 4.11
N VAL A 608 -19.01 3.41 5.37
CA VAL A 608 -17.64 3.09 5.76
C VAL A 608 -17.56 1.58 5.97
N PRO A 609 -16.63 0.91 5.27
CA PRO A 609 -16.50 -0.56 5.38
C PRO A 609 -16.15 -1.04 6.78
N GLU A 610 -16.80 -2.11 7.22
CA GLU A 610 -16.55 -2.71 8.52
C GLU A 610 -15.12 -3.21 8.60
N PHE A 611 -14.72 -4.00 7.61
CA PHE A 611 -13.38 -4.58 7.54
C PHE A 611 -12.60 -3.96 6.40
N LEU A 612 -11.29 -3.87 6.56
CA LEU A 612 -10.42 -3.29 5.57
C LEU A 612 -8.97 -3.63 5.92
N VAL A 613 -8.15 -3.81 4.90
CA VAL A 613 -6.70 -3.96 5.11
C VAL A 613 -6.07 -2.63 4.71
N THR A 614 -5.12 -2.17 5.52
CA THR A 614 -4.58 -0.84 5.36
C THR A 614 -3.10 -0.91 5.01
N ASP A 615 -2.70 -0.09 4.04
CA ASP A 615 -1.32 -0.09 3.52
C ASP A 615 -1.16 1.18 2.66
N ASP A 616 0.06 1.68 2.53
CA ASP A 616 0.29 2.89 1.72
C ASP A 616 0.06 2.61 0.22
N VAL A 617 0.41 1.41 -0.21
CA VAL A 617 0.18 0.98 -1.60
C VAL A 617 -1.29 1.03 -2.01
N LEU A 618 -2.20 0.79 -1.06
CA LEU A 618 -3.64 0.87 -1.34
C LEU A 618 -4.21 2.26 -1.09
N ARG A 619 -3.33 3.20 -0.74
CA ARG A 619 -3.69 4.61 -0.56
C ARG A 619 -4.71 4.81 0.56
N THR A 620 -4.71 3.90 1.53
CA THR A 620 -5.71 3.93 2.60
C THR A 620 -5.78 5.34 3.18
N PRO A 621 -7.00 5.88 3.39
CA PRO A 621 -8.32 5.26 3.27
C PRO A 621 -8.98 5.32 1.89
N LEU A 622 -8.27 5.70 0.84
CA LEU A 622 -8.86 5.70 -0.52
C LEU A 622 -9.45 4.34 -0.86
N ASN A 623 -8.77 3.33 -0.37
CA ASN A 623 -9.20 1.94 -0.40
C ASN A 623 -10.66 1.71 0.06
N ALA A 624 -11.12 2.53 1.01
CA ALA A 624 -12.51 2.48 1.49
C ALA A 624 -13.47 3.28 0.62
N MET A 625 -12.93 4.07 -0.30
CA MET A 625 -13.67 4.87 -1.27
C MET A 625 -14.49 5.98 -0.63
N PRO A 626 -13.81 6.98 -0.05
CA PRO A 626 -14.49 8.04 0.72
C PRO A 626 -15.40 8.98 -0.06
N MET A 627 -15.30 8.99 -1.38
CA MET A 627 -16.21 9.81 -2.18
C MET A 627 -17.67 9.43 -1.95
N GLN A 628 -17.93 8.19 -1.53
CA GLN A 628 -19.31 7.74 -1.27
C GLN A 628 -19.65 7.58 0.22
N PHE A 629 -18.79 8.09 1.10
CA PHE A 629 -19.14 8.23 2.51
C PHE A 629 -20.23 9.26 2.59
N PHE A 630 -21.12 9.11 3.58
CA PHE A 630 -22.10 10.14 3.85
C PHE A 630 -22.47 10.29 5.32
N ILE A 631 -23.08 11.43 5.62
CA ILE A 631 -23.60 11.74 6.95
C ILE A 631 -25.12 11.72 6.89
N GLU A 632 -25.74 10.97 7.80
CA GLU A 632 -27.20 10.90 7.83
C GLU A 632 -27.81 12.28 8.00
N GLN A 633 -28.89 12.53 7.27
CA GLN A 633 -29.62 13.80 7.36
C GLN A 633 -31.00 13.52 7.93
#